data_1MCJ
#
_entry.id   1MCJ
#
_cell.length_a   72.300
_cell.length_b   72.300
_cell.length_c   185.900
_cell.angle_alpha   90.00
_cell.angle_beta   90.00
_cell.angle_gamma   120.00
#
_symmetry.space_group_name_H-M   'P 31 2 1'
#
loop_
_entity.id
_entity.type
_entity.pdbx_description
1 polymer 'IMMUNOGLOBULIN LAMBDA DIMER MCG (LIGHT CHAIN)'
2 polymer 'PEPTIDE N-ACETYL-D-PHE-L-HIS-D-PRO-NH2'
3 non-polymer 'ACETYL GROUP'
4 non-polymer D-PHENYLALANINE
5 non-polymer D-PROLINE
6 non-polymer 'AMINO GROUP'
#
loop_
_entity_poly.entity_id
_entity_poly.type
_entity_poly.pdbx_seq_one_letter_code
_entity_poly.pdbx_strand_id
1 'polypeptide(L)'
;PSALTQPPSASGSLGQSVTISCTGTSSDVGGYNYVSWYQQHAGKAPKVIIYEVNKRPSGVPDRFSGSKSGNTASLTVSGL
QAEDEADYYCSSYEGSDNFVFGTGTKVTVLGQPKANPTVTLFPPSSEELQANKATLVCLISDFYPGAVTVAWKADGSPVK
AGVETTKPSKQSNNKYAASSYLSLTPEQWKSHRSYSCQVTHEGSTVEKTVAPTECS
;
A,B
2 'polypeptide(L)' (ACE)FHP(NH2) P
#
loop_
_chem_comp.id
_chem_comp.type
_chem_comp.name
_chem_comp.formula
ACE non-polymer 'ACETYL GROUP' 'C2 H4 O'
NH2 non-polymer 'AMINO GROUP' 'H2 N'
#
# COMPACT_ATOMS: atom_id res chain seq x y z
N PRO A 1 -28.89 6.28 12.14
CA PRO A 1 -28.79 7.14 10.96
C PRO A 1 -27.66 6.66 10.06
N SER A 2 -27.93 6.78 8.78
CA SER A 2 -27.15 6.19 7.69
C SER A 2 -25.87 6.95 7.33
N ALA A 3 -25.36 6.66 6.15
CA ALA A 3 -24.13 7.24 5.61
C ALA A 3 -24.43 8.29 4.55
N LEU A 4 -23.72 9.41 4.57
CA LEU A 4 -23.94 10.44 3.54
C LEU A 4 -23.70 9.75 2.18
N THR A 5 -24.23 10.39 1.15
CA THR A 5 -24.23 9.80 -0.17
C THR A 5 -23.29 10.52 -1.13
N GLN A 6 -22.60 9.67 -1.86
CA GLN A 6 -21.72 10.05 -2.99
C GLN A 6 -22.14 9.10 -4.12
N PRO A 7 -21.98 9.58 -5.35
CA PRO A 7 -21.93 8.65 -6.51
C PRO A 7 -20.67 7.80 -6.42
N PRO A 8 -20.85 6.51 -6.66
CA PRO A 8 -19.80 5.52 -6.39
C PRO A 8 -18.55 5.69 -7.24
N SER A 9 -18.68 5.75 -8.54
CA SER A 9 -17.56 6.10 -9.44
C SER A 9 -17.80 7.47 -10.06
N ALA A 10 -16.81 8.01 -10.77
CA ALA A 10 -16.90 9.34 -11.41
C ALA A 10 -15.80 9.53 -12.44
N SER A 11 -15.69 10.70 -13.08
CA SER A 11 -14.78 10.84 -14.22
C SER A 11 -14.25 12.19 -14.59
N GLY A 12 -12.91 12.23 -14.75
CA GLY A 12 -12.18 13.45 -15.13
C GLY A 12 -11.14 13.09 -16.19
N SER A 13 -11.09 13.91 -17.23
CA SER A 13 -10.20 13.63 -18.40
C SER A 13 -9.12 14.71 -18.36
N LEU A 14 -8.07 14.33 -17.65
CA LEU A 14 -6.96 15.18 -17.25
C LEU A 14 -6.83 16.43 -18.09
N GLY A 15 -6.97 17.55 -17.38
CA GLY A 15 -7.10 18.86 -18.05
C GLY A 15 -8.54 19.36 -17.83
N GLN A 16 -9.48 18.45 -17.97
CA GLN A 16 -10.92 18.70 -17.65
C GLN A 16 -11.05 18.76 -16.13
N SER A 17 -12.28 18.78 -15.64
CA SER A 17 -12.54 18.86 -14.19
C SER A 17 -13.58 17.83 -13.75
N VAL A 18 -13.73 17.73 -12.46
CA VAL A 18 -14.69 16.80 -11.81
C VAL A 18 -15.27 17.49 -10.58
N THR A 19 -16.46 17.05 -10.23
CA THR A 19 -17.24 17.62 -9.09
C THR A 19 -17.81 16.44 -8.32
N ILE A 20 -17.65 16.42 -7.00
CA ILE A 20 -18.16 15.32 -6.19
C ILE A 20 -19.10 15.80 -5.08
N SER A 21 -20.22 15.09 -5.01
CA SER A 21 -21.31 15.39 -4.10
C SER A 21 -21.26 14.50 -2.85
N CYS A 22 -21.61 15.15 -1.76
CA CYS A 22 -21.66 14.54 -0.42
C CYS A 22 -23.00 14.98 0.19
N THR A 23 -24.03 14.30 -0.29
CA THR A 23 -25.44 14.51 0.06
C THR A 23 -25.81 13.95 1.41
N GLY A 24 -26.40 14.76 2.27
CA GLY A 24 -26.77 14.39 3.64
C GLY A 24 -28.10 14.95 4.11
N THR A 25 -28.13 15.33 5.39
CA THR A 25 -29.38 15.60 6.12
C THR A 25 -29.27 16.55 7.29
N SER A 26 -29.75 17.76 7.15
CA SER A 26 -29.88 18.85 8.08
C SER A 26 -29.82 18.56 9.58
N SER A 27 -28.84 17.84 10.01
CA SER A 27 -28.73 17.23 11.35
C SER A 27 -27.25 16.79 11.46
N ASP A 28 -26.77 16.59 10.25
CA ASP A 28 -25.34 16.41 9.96
C ASP A 28 -24.95 17.61 9.08
N VAL A 29 -25.10 17.50 7.78
CA VAL A 29 -24.89 18.64 6.89
C VAL A 29 -26.16 19.49 6.80
N GLY A 30 -25.92 20.80 6.74
CA GLY A 30 -27.05 21.78 6.79
C GLY A 30 -27.30 22.05 8.29
N GLY A 31 -27.05 23.28 8.64
CA GLY A 31 -27.18 23.74 10.05
C GLY A 31 -25.74 23.79 10.60
N TYR A 32 -25.11 22.64 10.49
CA TYR A 32 -23.66 22.47 10.72
C TYR A 32 -22.91 22.78 9.42
N ASN A 33 -21.82 23.51 9.57
CA ASN A 33 -20.96 23.85 8.42
C ASN A 33 -19.67 23.03 8.42
N TYR A 34 -19.75 21.80 8.92
CA TYR A 34 -18.52 21.09 9.40
C TYR A 34 -18.44 19.66 8.87
N VAL A 35 -18.21 19.62 7.55
CA VAL A 35 -18.04 18.43 6.76
C VAL A 35 -16.75 18.58 5.91
N SER A 36 -16.09 17.44 5.91
CA SER A 36 -14.75 17.31 5.30
C SER A 36 -14.74 16.38 4.09
N TRP A 37 -13.58 16.29 3.46
CA TRP A 37 -13.31 15.37 2.33
C TRP A 37 -11.90 14.78 2.46
N TYR A 38 -11.86 13.48 2.57
CA TYR A 38 -10.75 12.58 2.71
C TYR A 38 -10.36 11.97 1.33
N GLN A 39 -9.12 12.18 0.93
CA GLN A 39 -8.64 11.57 -0.32
C GLN A 39 -7.95 10.24 0.02
N GLN A 40 -8.35 9.21 -0.70
CA GLN A 40 -7.81 7.88 -0.47
C GLN A 40 -7.22 7.26 -1.73
N HIS A 41 -5.89 7.40 -1.78
CA HIS A 41 -5.07 6.60 -2.72
C HIS A 41 -5.06 5.20 -2.08
N ALA A 42 -5.67 4.31 -2.80
CA ALA A 42 -5.96 2.94 -2.59
C ALA A 42 -5.88 2.31 -1.23
N GLY A 43 -5.93 3.09 -0.17
CA GLY A 43 -5.78 2.56 1.20
C GLY A 43 -4.28 2.58 1.54
N LYS A 44 -3.77 3.80 1.58
CA LYS A 44 -2.43 4.10 2.10
C LYS A 44 -2.64 4.97 3.36
N ALA A 45 -3.91 5.05 3.73
CA ALA A 45 -4.44 6.15 4.57
C ALA A 45 -5.12 7.14 3.60
N PRO A 46 -6.02 7.94 4.13
CA PRO A 46 -6.49 9.16 3.46
C PRO A 46 -5.64 10.37 3.83
N LYS A 47 -5.56 11.32 2.91
CA LYS A 47 -5.02 12.68 3.17
C LYS A 47 -6.30 13.52 3.37
N VAL A 48 -6.35 14.18 4.50
CA VAL A 48 -7.57 15.01 4.77
C VAL A 48 -7.33 16.26 3.92
N ILE A 49 -8.07 16.28 2.81
CA ILE A 49 -7.88 17.34 1.81
C ILE A 49 -8.77 18.54 2.08
N ILE A 50 -9.80 18.37 2.90
CA ILE A 50 -10.74 19.44 3.29
C ILE A 50 -11.50 19.03 4.54
N TYR A 51 -11.91 20.01 5.35
CA TYR A 51 -12.52 19.73 6.65
C TYR A 51 -13.63 20.68 7.09
N GLU A 52 -13.43 21.96 6.88
CA GLU A 52 -14.45 22.98 7.23
C GLU A 52 -15.03 23.45 5.89
N VAL A 53 -15.88 22.57 5.36
CA VAL A 53 -16.44 22.80 4.00
C VAL A 53 -15.25 23.07 3.07
N ASN A 54 -14.80 24.32 3.01
CA ASN A 54 -13.84 24.73 1.98
C ASN A 54 -12.43 24.98 2.42
N LYS A 55 -12.14 24.92 3.70
CA LYS A 55 -10.79 25.16 4.26
C LYS A 55 -9.78 24.16 3.74
N ARG A 56 -8.88 24.68 2.93
CA ARG A 56 -7.76 23.93 2.33
C ARG A 56 -6.57 23.94 3.31
N PRO A 57 -6.05 22.74 3.51
CA PRO A 57 -4.76 22.57 4.22
C PRO A 57 -3.59 22.85 3.28
N SER A 58 -2.67 23.66 3.77
CA SER A 58 -1.45 24.05 3.05
C SER A 58 -0.48 22.86 2.98
N GLY A 59 -0.56 22.20 1.84
CA GLY A 59 0.14 20.89 1.68
C GLY A 59 -0.83 19.97 0.91
N VAL A 60 -2.01 20.54 0.71
CA VAL A 60 -2.93 20.04 -0.34
C VAL A 60 -2.80 20.99 -1.55
N PRO A 61 -3.04 20.39 -2.73
CA PRO A 61 -3.16 21.14 -3.97
C PRO A 61 -4.44 21.90 -4.24
N ASP A 62 -4.39 23.20 -4.14
CA ASP A 62 -5.29 24.23 -4.54
C ASP A 62 -6.35 24.05 -5.60
N ARG A 63 -6.42 23.01 -6.37
CA ARG A 63 -7.50 22.82 -7.36
C ARG A 63 -8.58 21.85 -6.90
N PHE A 64 -8.69 21.64 -5.60
CA PHE A 64 -9.64 20.73 -4.99
C PHE A 64 -10.87 21.33 -4.34
N SER A 65 -11.47 22.34 -4.92
CA SER A 65 -12.59 23.10 -4.34
C SER A 65 -13.68 22.23 -3.74
N GLY A 66 -14.05 22.50 -2.48
CA GLY A 66 -15.13 21.76 -1.81
C GLY A 66 -16.14 22.68 -1.14
N SER A 67 -17.26 22.91 -1.79
CA SER A 67 -18.32 23.81 -1.40
C SER A 67 -19.61 23.17 -0.87
N LYS A 68 -20.27 23.85 0.06
CA LYS A 68 -21.54 23.43 0.66
C LYS A 68 -22.70 24.12 -0.06
N SER A 69 -23.70 23.30 -0.37
CA SER A 69 -24.87 23.78 -1.13
C SER A 69 -26.14 23.56 -0.31
N GLY A 70 -27.02 22.71 -0.84
CA GLY A 70 -28.32 22.46 -0.19
C GLY A 70 -28.03 21.72 1.12
N ASN A 71 -28.19 20.41 1.02
CA ASN A 71 -27.77 19.52 2.13
C ASN A 71 -26.58 18.66 1.71
N THR A 72 -25.65 19.27 0.95
CA THR A 72 -24.54 18.52 0.38
C THR A 72 -23.26 19.30 0.12
N ALA A 73 -22.16 18.55 0.32
CA ALA A 73 -20.79 19.00 -0.03
C ALA A 73 -20.53 18.73 -1.51
N SER A 74 -19.58 19.47 -2.06
CA SER A 74 -19.28 19.44 -3.51
C SER A 74 -17.81 19.75 -3.76
N LEU A 75 -17.04 18.74 -4.11
CA LEU A 75 -15.60 18.76 -4.34
C LEU A 75 -15.30 18.79 -5.85
N THR A 76 -15.11 19.95 -6.40
CA THR A 76 -14.60 20.21 -7.74
C THR A 76 -13.07 20.08 -7.77
N VAL A 77 -12.61 19.04 -8.43
CA VAL A 77 -11.20 18.91 -8.86
C VAL A 77 -11.14 19.64 -10.21
N SER A 78 -10.24 20.59 -10.29
CA SER A 78 -10.10 21.39 -11.53
C SER A 78 -8.92 20.91 -12.35
N GLY A 79 -8.99 21.15 -13.64
CA GLY A 79 -7.95 20.90 -14.62
C GLY A 79 -7.08 19.68 -14.44
N LEU A 80 -7.67 18.54 -14.25
CA LEU A 80 -7.15 17.29 -13.80
C LEU A 80 -5.76 16.79 -14.16
N GLN A 81 -5.13 16.30 -13.10
CA GLN A 81 -3.82 15.65 -13.00
C GLN A 81 -4.05 14.17 -12.68
N ALA A 82 -3.89 13.30 -13.63
CA ALA A 82 -4.10 11.86 -13.60
C ALA A 82 -3.69 11.06 -12.38
N GLU A 83 -2.96 11.70 -11.50
CA GLU A 83 -2.53 11.13 -10.21
C GLU A 83 -3.77 10.94 -9.33
N ASP A 84 -4.67 11.90 -9.51
CA ASP A 84 -5.86 12.06 -8.70
C ASP A 84 -6.71 10.80 -8.65
N GLU A 85 -6.32 9.82 -9.50
CA GLU A 85 -7.17 8.55 -9.33
C GLU A 85 -7.18 8.13 -7.88
N ALA A 86 -8.39 8.00 -7.32
CA ALA A 86 -8.59 7.58 -5.93
C ALA A 86 -10.05 7.52 -5.50
N ASP A 87 -10.28 6.82 -4.37
CA ASP A 87 -11.60 6.88 -3.69
C ASP A 87 -11.51 8.06 -2.70
N TYR A 88 -12.59 8.81 -2.56
CA TYR A 88 -12.65 9.93 -1.62
C TYR A 88 -13.94 9.87 -0.76
N TYR A 89 -13.83 10.39 0.45
CA TYR A 89 -14.90 10.41 1.43
C TYR A 89 -15.18 11.80 2.00
N CYS A 90 -16.43 11.99 2.44
CA CYS A 90 -16.84 13.20 3.15
C CYS A 90 -17.32 12.75 4.54
N SER A 91 -17.27 13.69 5.47
CA SER A 91 -17.62 13.30 6.87
C SER A 91 -18.35 14.50 7.50
N SER A 92 -19.53 14.18 7.99
CA SER A 92 -20.41 15.21 8.56
C SER A 92 -20.45 15.08 10.08
N TYR A 93 -20.37 16.27 10.69
CA TYR A 93 -20.67 16.30 12.15
C TYR A 93 -22.17 16.10 12.42
N GLU A 94 -22.44 15.23 13.38
CA GLU A 94 -23.77 15.17 14.06
C GLU A 94 -23.54 15.90 15.38
N GLY A 95 -23.63 15.26 16.54
CA GLY A 95 -23.39 15.91 17.79
C GLY A 95 -23.25 15.23 19.08
N SER A 96 -22.80 13.99 19.15
CA SER A 96 -22.55 13.33 20.47
C SER A 96 -21.03 13.27 20.66
N ASP A 97 -20.38 13.98 19.73
CA ASP A 97 -18.94 13.67 19.43
C ASP A 97 -19.12 12.28 18.75
N ASN A 98 -19.77 12.39 17.62
CA ASN A 98 -20.03 11.31 16.67
C ASN A 98 -19.86 11.96 15.28
N PHE A 99 -19.58 11.16 14.28
CA PHE A 99 -19.38 11.69 12.90
C PHE A 99 -19.74 10.62 11.88
N VAL A 100 -20.31 11.05 10.75
CA VAL A 100 -20.80 10.07 9.75
C VAL A 100 -20.38 10.41 8.32
N PHE A 101 -19.83 9.38 7.67
CA PHE A 101 -19.04 9.50 6.44
C PHE A 101 -19.89 9.33 5.19
N GLY A 102 -19.24 9.31 4.04
CA GLY A 102 -19.92 9.28 2.74
C GLY A 102 -19.94 7.89 2.11
N THR A 103 -20.62 7.80 0.99
CA THR A 103 -20.72 6.56 0.19
C THR A 103 -19.38 6.13 -0.38
N GLY A 104 -18.50 7.06 -0.68
CA GLY A 104 -17.25 6.80 -1.44
C GLY A 104 -17.42 7.35 -2.86
N THR A 105 -16.30 7.85 -3.41
CA THR A 105 -16.32 8.24 -4.85
C THR A 105 -14.93 7.98 -5.44
N LYS A 106 -14.91 6.85 -6.15
CA LYS A 106 -13.72 6.34 -6.84
C LYS A 106 -13.68 7.07 -8.19
N VAL A 107 -12.68 7.92 -8.31
CA VAL A 107 -12.54 8.78 -9.49
C VAL A 107 -11.77 7.99 -10.55
N THR A 108 -12.24 8.18 -11.78
CA THR A 108 -11.52 7.59 -12.92
C THR A 108 -11.09 8.74 -13.83
N VAL A 109 -9.78 8.82 -13.99
CA VAL A 109 -9.19 9.75 -14.95
C VAL A 109 -9.21 8.99 -16.29
N LEU A 110 -9.52 9.75 -17.31
CA LEU A 110 -9.66 9.32 -18.68
C LEU A 110 -8.47 9.90 -19.47
N GLY A 111 -8.07 9.16 -20.48
CA GLY A 111 -7.06 9.56 -21.43
C GLY A 111 -5.63 9.60 -20.95
N GLN A 112 -5.29 8.76 -19.99
CA GLN A 112 -3.89 8.64 -19.50
C GLN A 112 -3.19 7.69 -20.49
N PRO A 113 -2.09 8.15 -21.05
CA PRO A 113 -1.44 7.40 -22.12
C PRO A 113 -0.96 6.06 -21.57
N LYS A 114 -0.84 5.13 -22.50
CA LYS A 114 -0.59 3.73 -22.23
C LYS A 114 0.90 3.38 -22.16
N ALA A 115 1.24 2.90 -20.97
CA ALA A 115 2.64 2.54 -20.69
C ALA A 115 2.82 1.04 -20.92
N ASN A 116 3.84 0.75 -21.70
CA ASN A 116 4.36 -0.61 -21.92
C ASN A 116 5.43 -0.88 -20.85
N PRO A 117 5.30 -2.05 -20.26
CA PRO A 117 6.05 -2.41 -19.05
C PRO A 117 7.49 -2.77 -19.30
N THR A 118 8.35 -2.33 -18.37
CA THR A 118 9.77 -2.78 -18.34
C THR A 118 9.86 -4.16 -17.68
N VAL A 119 10.27 -5.16 -18.42
CA VAL A 119 10.42 -6.54 -17.89
C VAL A 119 11.89 -6.59 -17.43
N THR A 120 12.08 -6.38 -16.16
CA THR A 120 13.49 -6.50 -15.63
C THR A 120 13.53 -7.80 -14.86
N LEU A 121 13.99 -8.81 -15.61
CA LEU A 121 14.12 -10.19 -15.18
C LEU A 121 15.41 -10.39 -14.38
N PHE A 122 15.33 -11.39 -13.52
CA PHE A 122 16.40 -11.71 -12.57
C PHE A 122 16.60 -13.23 -12.57
N PRO A 123 17.84 -13.62 -12.80
CA PRO A 123 18.35 -14.93 -12.33
C PRO A 123 18.61 -14.93 -10.82
N PRO A 124 18.69 -16.13 -10.25
CA PRO A 124 19.12 -16.35 -8.87
C PRO A 124 20.58 -16.01 -8.64
N SER A 125 20.95 -15.86 -7.37
CA SER A 125 22.26 -15.38 -6.97
C SER A 125 23.19 -16.26 -6.14
N SER A 126 24.25 -15.59 -5.70
CA SER A 126 25.31 -16.00 -4.79
C SER A 126 24.81 -16.66 -3.50
N GLU A 127 24.19 -15.84 -2.66
CA GLU A 127 23.72 -16.26 -1.35
C GLU A 127 22.53 -17.16 -1.41
N GLU A 128 21.90 -17.14 -2.58
CA GLU A 128 20.63 -17.84 -2.79
C GLU A 128 20.92 -19.32 -2.99
N LEU A 129 21.95 -19.50 -3.85
CA LEU A 129 22.38 -20.89 -4.14
C LEU A 129 23.24 -21.38 -2.99
N GLN A 130 23.74 -20.37 -2.27
CA GLN A 130 24.59 -20.70 -1.08
C GLN A 130 23.65 -21.44 -0.12
N ALA A 131 22.48 -20.83 0.03
CA ALA A 131 21.35 -21.48 0.75
C ALA A 131 20.94 -22.79 0.09
N ASN A 132 20.83 -22.75 -1.23
CA ASN A 132 20.53 -23.87 -2.11
C ASN A 132 19.25 -23.63 -2.92
N LYS A 133 18.68 -22.46 -2.74
CA LYS A 133 17.36 -22.18 -3.37
C LYS A 133 17.61 -21.56 -4.73
N ALA A 134 16.62 -21.64 -5.61
CA ALA A 134 16.71 -20.98 -6.92
C ALA A 134 15.39 -20.26 -7.21
N THR A 135 15.50 -18.95 -7.02
CA THR A 135 14.39 -18.03 -7.27
C THR A 135 14.74 -17.10 -8.41
N LEU A 136 13.93 -17.18 -9.47
CA LEU A 136 13.96 -16.21 -10.57
C LEU A 136 12.65 -15.39 -10.34
N VAL A 137 12.80 -14.11 -10.53
CA VAL A 137 11.67 -13.18 -10.52
C VAL A 137 11.73 -12.33 -11.79
N CYS A 138 10.57 -12.01 -12.29
CA CYS A 138 10.35 -11.10 -13.40
C CYS A 138 9.61 -9.87 -12.84
N LEU A 139 10.34 -8.74 -12.85
CA LEU A 139 9.69 -7.50 -12.37
C LEU A 139 9.17 -6.73 -13.59
N ILE A 140 7.87 -6.89 -13.77
CA ILE A 140 7.12 -6.20 -14.84
C ILE A 140 6.74 -4.87 -14.20
N SER A 141 7.08 -3.78 -14.85
CA SER A 141 6.79 -2.48 -14.20
C SER A 141 6.30 -1.45 -15.20
N ASP A 142 5.88 -0.32 -14.64
CA ASP A 142 5.44 0.87 -15.32
C ASP A 142 4.55 0.70 -16.53
N PHE A 143 3.34 0.21 -16.29
CA PHE A 143 2.37 -0.02 -17.35
C PHE A 143 0.99 0.55 -17.00
N TYR A 144 0.28 0.82 -18.07
CA TYR A 144 -1.12 1.31 -17.99
C TYR A 144 -1.74 0.89 -19.33
N PRO A 145 -2.92 0.29 -19.33
CA PRO A 145 -3.65 -0.19 -18.16
C PRO A 145 -2.93 -1.33 -17.46
N GLY A 146 -3.56 -1.86 -16.42
CA GLY A 146 -3.07 -3.03 -15.70
C GLY A 146 -3.71 -4.33 -16.16
N ALA A 147 -3.64 -4.59 -17.44
CA ALA A 147 -4.02 -5.90 -18.03
C ALA A 147 -2.74 -6.40 -18.74
N VAL A 148 -2.04 -7.30 -18.06
CA VAL A 148 -0.80 -7.90 -18.47
C VAL A 148 -0.75 -9.38 -18.04
N THR A 149 -0.51 -10.20 -19.02
CA THR A 149 -0.35 -11.64 -18.85
C THR A 149 1.15 -11.89 -18.65
N VAL A 150 1.44 -12.91 -17.86
CA VAL A 150 2.82 -13.38 -17.72
C VAL A 150 2.87 -14.89 -17.89
N ALA A 151 3.41 -15.31 -19.03
CA ALA A 151 3.79 -16.74 -19.21
C ALA A 151 5.31 -16.86 -19.24
N TRP A 152 5.83 -17.92 -18.62
CA TRP A 152 7.26 -18.21 -18.54
C TRP A 152 7.62 -19.39 -19.47
N LYS A 153 8.83 -19.34 -20.03
CA LYS A 153 9.28 -20.53 -20.83
C LYS A 153 10.49 -21.23 -20.25
N ALA A 154 10.34 -22.55 -20.09
CA ALA A 154 11.14 -23.46 -19.31
C ALA A 154 12.58 -23.69 -19.75
N ASP A 155 12.73 -24.05 -21.00
CA ASP A 155 14.00 -24.15 -21.70
C ASP A 155 13.68 -23.86 -23.18
N GLY A 156 12.51 -24.34 -23.56
CA GLY A 156 11.98 -24.10 -24.92
C GLY A 156 10.55 -24.63 -24.99
N SER A 157 10.25 -25.53 -24.08
CA SER A 157 8.81 -25.86 -23.80
C SER A 157 8.42 -24.84 -22.73
N PRO A 158 7.14 -24.82 -22.39
CA PRO A 158 6.64 -23.85 -21.39
C PRO A 158 6.81 -24.44 -20.00
N VAL A 159 6.76 -23.57 -19.01
CA VAL A 159 6.70 -23.97 -17.60
C VAL A 159 5.35 -23.46 -17.05
N LYS A 160 4.57 -24.39 -16.52
CA LYS A 160 3.34 -24.00 -15.83
C LYS A 160 3.37 -24.28 -14.35
N ALA A 161 4.49 -24.73 -13.81
CA ALA A 161 4.57 -25.09 -12.39
C ALA A 161 5.57 -24.27 -11.59
N GLY A 162 5.27 -24.16 -10.29
CA GLY A 162 6.20 -23.65 -9.27
C GLY A 162 6.37 -22.14 -9.33
N VAL A 163 5.38 -21.54 -9.95
CA VAL A 163 5.41 -20.12 -10.36
C VAL A 163 4.30 -19.37 -9.64
N GLU A 164 4.46 -18.06 -9.59
CA GLU A 164 3.41 -17.16 -9.08
C GLU A 164 3.49 -15.85 -9.86
N THR A 165 2.31 -15.29 -10.07
CA THR A 165 2.17 -13.98 -10.73
C THR A 165 1.42 -13.06 -9.76
N THR A 166 1.86 -11.84 -9.73
CA THR A 166 1.28 -10.79 -8.88
C THR A 166 0.85 -9.71 -9.88
N LYS A 167 -0.47 -9.59 -9.95
CA LYS A 167 -1.10 -8.80 -11.00
C LYS A 167 -1.53 -7.42 -10.50
N PRO A 168 -1.54 -6.48 -11.46
CA PRO A 168 -1.11 -5.12 -11.26
C PRO A 168 -1.36 -4.28 -10.07
N SER A 169 -0.40 -4.29 -9.13
CA SER A 169 -0.43 -3.32 -8.01
C SER A 169 -0.32 -1.89 -8.55
N LYS A 170 -0.89 -1.00 -7.79
CA LYS A 170 -0.97 0.45 -8.13
C LYS A 170 0.33 1.05 -7.62
N GLN A 171 1.07 1.62 -8.57
CA GLN A 171 2.44 2.10 -8.33
C GLN A 171 2.48 3.36 -7.48
N SER A 172 2.93 4.46 -8.02
CA SER A 172 3.06 5.75 -7.32
C SER A 172 3.22 6.81 -8.44
N ASN A 173 2.33 6.60 -9.33
CA ASN A 173 2.22 7.12 -10.72
C ASN A 173 1.09 6.19 -11.16
N ASN A 174 0.00 6.62 -11.75
CA ASN A 174 -1.08 5.65 -12.05
C ASN A 174 -0.63 4.66 -13.16
N LYS A 175 0.51 4.12 -12.87
CA LYS A 175 1.16 3.05 -13.62
C LYS A 175 1.21 1.90 -12.63
N TYR A 176 1.28 0.69 -13.11
CA TYR A 176 1.25 -0.49 -12.23
C TYR A 176 2.54 -1.31 -12.25
N ALA A 177 2.63 -2.14 -11.21
CA ALA A 177 3.74 -3.04 -10.97
C ALA A 177 3.24 -4.47 -10.73
N ALA A 178 3.71 -5.35 -11.61
CA ALA A 178 3.38 -6.78 -11.53
C ALA A 178 4.67 -7.60 -11.48
N SER A 179 4.72 -8.53 -10.54
CA SER A 179 5.86 -9.42 -10.35
C SER A 179 5.47 -10.84 -10.80
N SER A 180 6.52 -11.61 -11.02
CA SER A 180 6.34 -13.05 -11.38
C SER A 180 7.54 -13.77 -10.78
N TYR A 181 7.31 -14.97 -10.29
CA TYR A 181 8.43 -15.74 -9.73
C TYR A 181 8.30 -17.22 -10.03
N LEU A 182 9.47 -17.73 -10.39
CA LEU A 182 9.71 -19.17 -10.61
C LEU A 182 10.74 -19.58 -9.55
N SER A 183 10.51 -20.75 -9.01
CA SER A 183 11.38 -21.29 -7.95
C SER A 183 11.51 -22.79 -8.16
N LEU A 184 12.77 -23.11 -8.27
CA LEU A 184 13.32 -24.45 -8.56
C LEU A 184 14.68 -24.48 -7.84
N THR A 185 15.38 -25.57 -8.03
CA THR A 185 16.67 -25.81 -7.37
C THR A 185 17.81 -25.47 -8.32
N PRO A 186 19.02 -25.36 -7.78
CA PRO A 186 20.23 -25.18 -8.59
C PRO A 186 20.35 -26.29 -9.62
N GLU A 187 20.03 -27.50 -9.17
CA GLU A 187 20.15 -28.71 -10.02
C GLU A 187 18.91 -28.79 -10.92
N GLN A 188 18.48 -27.60 -11.28
CA GLN A 188 17.33 -27.30 -12.12
C GLN A 188 17.71 -26.06 -12.97
N TRP A 189 18.18 -25.08 -12.22
CA TRP A 189 18.73 -23.84 -12.77
C TRP A 189 19.78 -24.18 -13.83
N LYS A 190 20.81 -24.88 -13.38
CA LYS A 190 21.94 -25.30 -14.19
C LYS A 190 21.50 -26.01 -15.46
N SER A 191 20.61 -26.97 -15.32
CA SER A 191 20.19 -27.85 -16.40
C SER A 191 19.41 -27.14 -17.49
N HIS A 192 19.56 -25.83 -17.60
CA HIS A 192 18.88 -25.05 -18.64
C HIS A 192 19.72 -24.00 -19.33
N ARG A 193 19.55 -23.96 -20.65
CA ARG A 193 20.29 -23.07 -21.55
C ARG A 193 19.96 -21.62 -21.17
N SER A 194 18.72 -21.51 -20.76
CA SER A 194 18.03 -20.25 -20.50
C SER A 194 16.76 -20.57 -19.68
N TYR A 195 16.19 -19.50 -19.18
CA TYR A 195 14.77 -19.51 -18.73
C TYR A 195 14.21 -18.18 -19.26
N SER A 196 12.91 -18.11 -19.47
CA SER A 196 12.37 -16.84 -20.01
C SER A 196 11.14 -16.28 -19.33
N CYS A 197 11.05 -14.94 -19.31
CA CYS A 197 9.86 -14.23 -18.86
C CYS A 197 9.08 -13.63 -20.03
N GLN A 198 7.75 -13.71 -19.94
CA GLN A 198 6.89 -13.25 -21.05
C GLN A 198 5.70 -12.46 -20.48
N VAL A 199 5.60 -11.26 -21.03
CA VAL A 199 4.57 -10.28 -20.66
C VAL A 199 3.75 -10.00 -21.91
N THR A 200 2.44 -10.19 -21.75
CA THR A 200 1.47 -9.71 -22.76
C THR A 200 0.79 -8.50 -22.10
N HIS A 201 0.78 -7.42 -22.83
CA HIS A 201 0.33 -6.11 -22.37
C HIS A 201 -0.34 -5.46 -23.60
N GLU A 202 -1.65 -5.44 -23.42
CA GLU A 202 -2.55 -4.96 -24.51
C GLU A 202 -2.37 -6.02 -25.58
N GLY A 203 -1.91 -5.69 -26.76
CA GLY A 203 -1.80 -6.69 -27.85
C GLY A 203 -0.30 -6.89 -28.15
N SER A 204 0.45 -6.87 -27.05
CA SER A 204 1.94 -6.85 -27.26
C SER A 204 2.58 -7.82 -26.29
N THR A 205 3.54 -8.56 -26.84
CA THR A 205 4.31 -9.53 -26.03
C THR A 205 5.75 -9.06 -25.93
N VAL A 206 6.32 -9.31 -24.76
CA VAL A 206 7.71 -9.09 -24.46
C VAL A 206 8.24 -10.36 -23.75
N GLU A 207 9.11 -11.06 -24.46
CA GLU A 207 9.92 -12.14 -23.84
C GLU A 207 11.15 -11.44 -23.27
N LYS A 208 11.82 -12.13 -22.39
CA LYS A 208 13.12 -11.78 -21.82
C LYS A 208 13.75 -13.15 -21.47
N THR A 209 15.05 -13.20 -21.38
CA THR A 209 15.73 -14.48 -21.08
C THR A 209 16.92 -14.35 -20.16
N VAL A 210 17.21 -15.46 -19.45
CA VAL A 210 18.47 -15.58 -18.72
C VAL A 210 19.15 -16.96 -18.89
N ALA A 211 20.34 -16.85 -19.46
CA ALA A 211 21.35 -17.92 -19.41
C ALA A 211 21.96 -17.85 -18.00
N PRO A 212 22.24 -19.01 -17.44
CA PRO A 212 23.01 -19.14 -16.20
C PRO A 212 24.43 -18.61 -16.28
N THR A 213 24.66 -17.56 -17.05
CA THR A 213 25.91 -16.79 -17.05
C THR A 213 25.98 -15.98 -15.76
N GLU A 214 26.48 -16.59 -14.71
CA GLU A 214 26.42 -16.06 -13.35
C GLU A 214 27.58 -15.16 -12.98
N CYS A 215 27.51 -13.90 -13.36
CA CYS A 215 28.41 -12.82 -12.92
C CYS A 215 28.42 -12.80 -11.37
N SER A 216 27.26 -13.18 -10.86
CA SER A 216 27.06 -13.34 -9.41
C SER A 216 26.10 -14.51 -9.19
N PRO B 1 3.23 14.46 7.23
CA PRO B 1 3.52 13.41 8.20
C PRO B 1 2.56 12.23 8.04
N SER B 2 2.97 11.15 8.62
CA SER B 2 2.13 9.98 8.95
C SER B 2 2.40 10.01 10.48
N ALA B 3 3.69 9.73 10.70
CA ALA B 3 4.31 9.87 12.02
C ALA B 3 3.65 8.83 12.94
N LEU B 4 2.33 8.87 12.99
CA LEU B 4 1.54 7.80 13.60
C LEU B 4 1.96 6.52 12.84
N THR B 5 2.72 5.74 13.55
CA THR B 5 3.29 4.47 13.20
C THR B 5 2.30 3.38 13.66
N GLN B 6 2.00 2.47 12.77
CA GLN B 6 1.15 1.31 13.02
C GLN B 6 1.73 -0.03 12.48
N PRO B 7 1.77 -1.01 13.39
CA PRO B 7 2.03 -2.41 13.15
C PRO B 7 1.30 -3.05 11.99
N PRO B 8 2.08 -3.70 11.13
CA PRO B 8 1.67 -3.98 9.74
C PRO B 8 0.33 -4.66 9.62
N SER B 9 0.08 -5.56 10.55
CA SER B 9 -1.03 -6.50 10.49
C SER B 9 -1.33 -6.90 11.93
N ALA B 10 -2.59 -7.28 12.12
CA ALA B 10 -3.07 -7.79 13.37
C ALA B 10 -3.68 -9.13 13.46
N SER B 11 -4.09 -10.00 12.58
CA SER B 11 -4.54 -11.37 12.95
C SER B 11 -4.82 -11.65 14.43
N GLY B 12 -5.81 -12.49 14.67
CA GLY B 12 -6.30 -13.01 15.90
C GLY B 12 -7.31 -14.16 15.74
N SER B 13 -7.38 -14.92 16.82
CA SER B 13 -8.38 -15.97 17.02
C SER B 13 -9.70 -15.36 17.53
N LEU B 14 -10.79 -16.09 17.31
CA LEU B 14 -12.12 -15.66 17.77
C LEU B 14 -12.23 -15.82 19.29
N GLY B 15 -11.96 -14.74 19.97
CA GLY B 15 -11.85 -14.73 21.44
C GLY B 15 -10.66 -13.87 21.86
N GLN B 16 -9.84 -13.50 20.88
CA GLN B 16 -8.56 -12.84 21.17
C GLN B 16 -8.60 -11.32 21.30
N SER B 17 -8.03 -10.86 22.39
CA SER B 17 -7.74 -9.52 22.80
C SER B 17 -6.63 -8.78 22.04
N VAL B 18 -6.82 -8.56 20.77
CA VAL B 18 -5.84 -7.88 19.89
C VAL B 18 -5.75 -6.40 20.21
N THR B 19 -4.64 -6.00 20.82
CA THR B 19 -4.33 -4.58 21.06
C THR B 19 -3.81 -3.99 19.75
N ILE B 20 -3.78 -2.67 19.64
CA ILE B 20 -3.24 -2.01 18.42
C ILE B 20 -2.69 -0.66 18.85
N SER B 21 -2.01 0.08 17.97
CA SER B 21 -1.20 1.23 18.44
C SER B 21 -0.85 2.26 17.40
N CYS B 22 -0.20 3.32 17.87
CA CYS B 22 0.28 4.47 17.10
C CYS B 22 1.41 5.13 17.89
N THR B 23 2.38 5.59 17.12
CA THR B 23 3.60 6.23 17.77
C THR B 23 4.03 7.31 16.79
N GLY B 24 4.75 8.37 17.13
CA GLY B 24 4.77 9.54 16.24
C GLY B 24 6.01 10.25 15.90
N THR B 25 6.29 10.34 14.56
CA THR B 25 7.53 11.06 14.14
C THR B 25 7.38 12.57 14.35
N SER B 26 8.52 13.24 14.34
CA SER B 26 8.66 14.67 14.62
C SER B 26 8.30 15.00 16.07
N SER B 27 7.02 15.17 16.27
CA SER B 27 6.36 15.62 17.48
C SER B 27 4.98 16.20 17.10
N ASP B 28 4.13 16.29 18.09
CA ASP B 28 2.80 16.88 18.06
C ASP B 28 2.05 16.51 19.37
N VAL B 29 2.32 15.29 19.81
CA VAL B 29 1.71 14.77 21.05
C VAL B 29 2.63 15.22 22.19
N GLY B 30 1.98 15.55 23.28
CA GLY B 30 2.64 16.21 24.45
C GLY B 30 1.90 17.57 24.57
N GLY B 31 1.72 18.10 23.37
CA GLY B 31 0.73 19.24 23.21
C GLY B 31 -0.60 18.46 22.94
N TYR B 32 -0.55 17.82 21.77
CA TYR B 32 -1.66 17.01 21.31
C TYR B 32 -1.88 15.76 22.17
N ASN B 33 -3.10 15.34 22.05
CA ASN B 33 -3.84 14.33 22.84
C ASN B 33 -5.14 14.24 22.00
N TYR B 34 -6.12 13.49 22.41
CA TYR B 34 -7.45 13.60 21.67
C TYR B 34 -7.22 13.11 20.25
N VAL B 35 -7.16 11.79 20.14
CA VAL B 35 -6.86 11.05 18.90
C VAL B 35 -7.96 10.03 18.57
N SER B 36 -8.17 9.79 17.28
CA SER B 36 -9.34 9.02 16.81
C SER B 36 -9.05 7.73 16.06
N TRP B 37 -9.65 6.64 16.59
CA TRP B 37 -9.45 5.27 16.11
C TRP B 37 -10.57 4.84 15.16
N TYR B 38 -10.15 4.41 13.97
CA TYR B 38 -11.08 4.09 12.88
C TYR B 38 -11.19 2.59 12.62
N GLN B 39 -12.19 2.30 11.81
CA GLN B 39 -12.49 0.94 11.36
C GLN B 39 -12.82 1.07 9.86
N GLN B 40 -11.90 0.57 9.02
CA GLN B 40 -12.33 0.48 7.59
C GLN B 40 -12.70 -0.99 7.37
N HIS B 41 -13.82 -1.17 6.69
CA HIS B 41 -14.26 -2.52 6.30
C HIS B 41 -14.20 -2.60 4.78
N ALA B 42 -13.80 -3.75 4.27
CA ALA B 42 -13.70 -4.03 2.84
C ALA B 42 -14.71 -3.32 1.97
N GLY B 43 -14.32 -2.13 1.52
CA GLY B 43 -15.09 -1.28 0.63
C GLY B 43 -16.45 -0.90 1.18
N LYS B 44 -16.45 -0.63 2.47
CA LYS B 44 -17.64 -0.33 3.28
C LYS B 44 -17.31 0.84 4.20
N ALA B 45 -18.28 1.28 4.98
CA ALA B 45 -18.18 2.41 5.89
C ALA B 45 -16.93 2.46 6.77
N PRO B 46 -16.15 3.53 6.57
CA PRO B 46 -15.09 3.94 7.49
C PRO B 46 -15.62 4.60 8.75
N LYS B 47 -15.89 3.82 9.79
CA LYS B 47 -16.45 4.34 11.04
C LYS B 47 -15.41 4.70 12.10
N VAL B 48 -15.56 5.89 12.66
CA VAL B 48 -14.78 6.40 13.79
C VAL B 48 -15.13 5.63 15.06
N ILE B 49 -14.66 4.41 15.21
CA ILE B 49 -15.06 3.58 16.35
C ILE B 49 -14.43 4.01 17.67
N ILE B 50 -13.68 5.09 17.68
CA ILE B 50 -13.16 5.74 18.87
C ILE B 50 -12.82 7.20 18.54
N TYR B 51 -13.08 8.02 19.53
CA TYR B 51 -12.77 9.46 19.49
C TYR B 51 -12.09 9.79 20.82
N GLU B 52 -11.36 10.88 20.79
CA GLU B 52 -10.47 11.33 21.87
C GLU B 52 -10.05 10.23 22.82
N VAL B 53 -8.99 9.51 22.43
CA VAL B 53 -8.31 8.50 23.26
C VAL B 53 -9.11 7.31 23.72
N ASN B 54 -10.15 7.44 24.55
CA ASN B 54 -11.06 6.33 24.82
C ASN B 54 -12.54 6.68 24.85
N LYS B 55 -12.96 7.77 24.24
CA LYS B 55 -14.42 8.05 24.17
C LYS B 55 -15.00 7.29 22.99
N ARG B 56 -15.72 6.23 23.37
CA ARG B 56 -16.47 5.41 22.39
C ARG B 56 -17.69 6.26 22.00
N PRO B 57 -17.91 6.38 20.70
CA PRO B 57 -19.17 6.96 20.19
C PRO B 57 -20.30 5.98 20.39
N SER B 58 -21.48 6.53 20.60
CA SER B 58 -22.71 5.74 20.82
C SER B 58 -22.85 4.69 19.72
N GLY B 59 -23.27 3.50 20.12
CA GLY B 59 -23.53 2.39 19.21
C GLY B 59 -22.30 1.50 19.02
N VAL B 60 -21.17 2.00 19.52
CA VAL B 60 -19.89 1.25 19.39
C VAL B 60 -19.72 0.36 20.61
N PRO B 61 -19.43 -0.92 20.37
CA PRO B 61 -19.28 -1.91 21.43
C PRO B 61 -18.12 -1.60 22.35
N ASP B 62 -18.32 -2.00 23.60
CA ASP B 62 -17.49 -1.57 24.74
C ASP B 62 -16.13 -2.25 24.70
N ARG B 63 -16.06 -3.37 24.00
CA ARG B 63 -14.83 -4.11 23.76
C ARG B 63 -13.79 -3.14 23.14
N PHE B 64 -14.31 -2.31 22.24
CA PHE B 64 -13.41 -1.40 21.49
C PHE B 64 -12.79 -0.39 22.45
N SER B 65 -11.88 -0.90 23.28
CA SER B 65 -11.19 0.04 24.21
C SER B 65 -10.04 0.70 23.46
N GLY B 66 -9.70 1.87 23.95
CA GLY B 66 -8.66 2.75 23.41
C GLY B 66 -7.88 3.30 24.62
N SER B 67 -6.63 3.63 24.38
CA SER B 67 -5.72 4.05 25.46
C SER B 67 -4.58 4.87 24.87
N LYS B 68 -3.74 5.35 25.75
CA LYS B 68 -2.49 6.05 25.36
C LYS B 68 -1.51 5.89 26.50
N SER B 69 -0.25 5.71 26.18
CA SER B 69 0.82 5.52 27.16
C SER B 69 1.73 6.75 27.24
N GLY B 70 1.83 7.48 26.13
CA GLY B 70 2.71 8.65 26.04
C GLY B 70 3.01 9.07 24.62
N ASN B 71 3.38 8.11 23.80
CA ASN B 71 3.60 8.33 22.35
C ASN B 71 2.87 7.17 21.64
N THR B 72 2.89 6.03 22.36
CA THR B 72 2.09 4.89 21.94
C THR B 72 0.63 5.06 22.43
N ALA B 73 -0.21 5.15 21.43
CA ALA B 73 -1.66 5.32 21.65
C ALA B 73 -2.25 4.00 21.18
N SER B 74 -3.02 3.39 22.06
CA SER B 74 -3.54 2.05 21.84
C SER B 74 -5.03 1.99 21.55
N LEU B 75 -5.34 0.86 20.95
CA LEU B 75 -6.68 0.30 20.69
C LEU B 75 -6.55 -1.09 21.35
N THR B 76 -7.61 -1.84 21.46
CA THR B 76 -7.62 -3.12 22.18
C THR B 76 -9.03 -3.73 22.06
N VAL B 77 -9.10 -4.70 21.16
CA VAL B 77 -10.34 -5.47 20.93
C VAL B 77 -10.26 -6.72 21.85
N SER B 78 -11.30 -6.83 22.65
CA SER B 78 -11.40 -7.89 23.68
C SER B 78 -12.44 -8.86 23.15
N GLY B 79 -12.04 -10.11 22.98
CA GLY B 79 -12.88 -11.15 22.41
C GLY B 79 -13.17 -10.89 20.95
N LEU B 80 -12.13 -10.99 20.11
CA LEU B 80 -12.34 -10.96 18.64
C LEU B 80 -13.58 -11.80 18.25
N GLN B 81 -14.49 -11.19 17.52
CA GLN B 81 -15.69 -11.81 16.95
C GLN B 81 -15.43 -11.81 15.42
N ALA B 82 -15.84 -12.84 14.74
CA ALA B 82 -15.64 -13.01 13.29
C ALA B 82 -15.64 -11.73 12.48
N GLU B 83 -16.77 -11.02 12.60
CA GLU B 83 -17.05 -9.82 11.80
C GLU B 83 -16.20 -8.63 12.22
N ASP B 84 -15.21 -8.89 13.06
CA ASP B 84 -14.26 -7.93 13.58
C ASP B 84 -13.07 -7.70 12.61
N GLU B 85 -12.74 -8.76 11.88
CA GLU B 85 -11.60 -8.58 10.90
C GLU B 85 -11.79 -7.35 10.03
N ALA B 86 -10.91 -6.35 10.17
CA ALA B 86 -10.92 -5.14 9.35
C ALA B 86 -9.61 -4.36 9.29
N ASP B 87 -9.65 -3.23 8.59
CA ASP B 87 -8.52 -2.36 8.30
C ASP B 87 -8.52 -1.12 9.20
N TYR B 88 -8.18 -1.28 10.46
CA TYR B 88 -8.36 -0.22 11.45
C TYR B 88 -7.24 0.83 11.35
N TYR B 89 -7.76 2.08 11.28
CA TYR B 89 -6.84 3.23 11.14
C TYR B 89 -6.72 3.99 12.46
N CYS B 90 -5.87 4.99 12.44
CA CYS B 90 -5.45 5.77 13.62
C CYS B 90 -5.24 7.21 13.17
N SER B 91 -5.37 8.13 14.14
CA SER B 91 -5.33 9.57 13.73
C SER B 91 -5.11 10.53 14.89
N SER B 92 -4.56 11.69 14.51
CA SER B 92 -4.30 12.82 15.39
C SER B 92 -4.22 14.15 14.61
N TYR B 93 -4.94 15.09 15.14
CA TYR B 93 -4.95 16.52 14.71
C TYR B 93 -3.66 17.16 15.21
N GLU B 94 -3.23 18.28 14.64
CA GLU B 94 -2.13 19.07 15.20
C GLU B 94 -2.62 20.47 15.58
N GLY B 95 -2.82 21.34 14.60
CA GLY B 95 -3.16 22.73 14.92
C GLY B 95 -3.82 23.52 13.84
N SER B 96 -5.13 23.73 14.04
CA SER B 96 -6.02 24.44 13.10
C SER B 96 -6.30 23.60 11.86
N ASP B 97 -5.71 22.43 11.88
CA ASP B 97 -5.69 21.42 10.82
C ASP B 97 -4.68 20.36 11.31
N ASN B 98 -4.09 19.72 10.31
CA ASN B 98 -2.99 18.75 10.52
C ASN B 98 -3.65 17.43 11.01
N PHE B 99 -4.48 16.92 10.13
CA PHE B 99 -5.12 15.61 10.40
C PHE B 99 -4.10 14.61 9.82
N VAL B 100 -3.38 14.04 10.78
CA VAL B 100 -2.44 12.97 10.44
C VAL B 100 -2.92 11.64 11.02
N PHE B 101 -3.21 10.78 10.06
CA PHE B 101 -3.58 9.38 10.21
C PHE B 101 -2.32 8.48 10.17
N GLY B 102 -2.36 7.44 10.97
CA GLY B 102 -1.32 6.41 11.01
C GLY B 102 -1.41 5.54 9.76
N THR B 103 -0.45 4.65 9.60
CA THR B 103 -0.29 3.89 8.37
C THR B 103 -1.35 2.88 8.05
N GLY B 104 -1.79 1.97 8.91
CA GLY B 104 -2.98 1.20 8.66
C GLY B 104 -3.24 -0.19 9.06
N THR B 105 -3.20 -0.54 10.33
CA THR B 105 -3.27 -1.87 10.90
C THR B 105 -4.37 -2.83 10.51
N LYS B 106 -4.21 -3.57 9.45
CA LYS B 106 -5.08 -4.64 8.98
C LYS B 106 -5.17 -5.86 9.89
N VAL B 107 -6.34 -6.12 10.45
CA VAL B 107 -6.57 -7.10 11.55
C VAL B 107 -7.02 -8.46 11.03
N THR B 108 -6.67 -9.59 11.77
CA THR B 108 -7.21 -10.82 10.95
C THR B 108 -7.86 -11.91 11.72
N VAL B 109 -8.85 -12.62 11.13
CA VAL B 109 -9.38 -13.86 11.75
C VAL B 109 -8.50 -14.99 11.15
N LEU B 110 -7.92 -15.73 12.08
CA LEU B 110 -7.02 -16.83 11.69
C LEU B 110 -7.72 -18.01 11.05
N GLY B 111 -7.54 -18.11 9.73
CA GLY B 111 -8.01 -19.27 8.94
C GLY B 111 -6.95 -20.38 9.05
N GLN B 112 -5.86 -20.11 8.37
CA GLN B 112 -4.67 -20.99 8.28
C GLN B 112 -3.61 -20.51 9.26
N PRO B 113 -2.68 -21.36 9.63
CA PRO B 113 -1.65 -21.03 10.63
C PRO B 113 -0.78 -19.89 10.12
N LYS B 114 -0.13 -19.22 11.06
CA LYS B 114 0.57 -17.95 10.83
C LYS B 114 1.80 -18.10 9.95
N ALA B 115 1.92 -17.17 8.96
CA ALA B 115 3.06 -17.34 8.01
C ALA B 115 3.93 -16.11 8.01
N ASN B 116 5.23 -16.35 7.93
CA ASN B 116 6.25 -15.30 8.04
C ASN B 116 6.96 -15.17 6.69
N PRO B 117 7.27 -13.93 6.36
CA PRO B 117 7.72 -13.58 5.02
C PRO B 117 9.13 -14.07 4.71
N THR B 118 9.23 -14.95 3.74
CA THR B 118 10.55 -15.28 3.16
C THR B 118 10.89 -14.14 2.19
N VAL B 119 12.00 -13.48 2.48
CA VAL B 119 12.44 -12.29 1.74
C VAL B 119 13.71 -12.63 0.98
N THR B 120 13.71 -12.32 -0.30
CA THR B 120 14.87 -12.61 -1.17
C THR B 120 15.21 -11.35 -1.94
N LEU B 121 16.36 -10.78 -1.59
CA LEU B 121 16.81 -9.54 -2.26
C LEU B 121 17.67 -9.91 -3.47
N PHE B 122 17.26 -9.33 -4.57
CA PHE B 122 17.85 -9.53 -5.90
C PHE B 122 18.68 -8.30 -6.28
N PRO B 123 19.92 -8.59 -6.67
CA PRO B 123 20.81 -7.53 -7.17
C PRO B 123 20.64 -7.32 -8.66
N PRO B 124 21.13 -6.18 -9.12
CA PRO B 124 21.01 -5.75 -10.53
C PRO B 124 22.00 -6.53 -11.38
N SER B 125 21.53 -7.45 -12.19
CA SER B 125 22.38 -8.27 -13.05
C SER B 125 23.37 -7.41 -13.85
N SER B 126 24.40 -8.11 -14.31
CA SER B 126 25.45 -7.52 -15.16
C SER B 126 24.83 -6.92 -16.42
N GLU B 127 24.00 -7.71 -17.08
CA GLU B 127 23.42 -7.32 -18.37
C GLU B 127 22.62 -6.05 -18.24
N GLU B 128 22.08 -5.90 -17.03
CA GLU B 128 21.30 -4.74 -16.60
C GLU B 128 22.22 -3.54 -16.40
N LEU B 129 23.37 -3.84 -15.80
CA LEU B 129 24.43 -2.82 -15.64
C LEU B 129 24.98 -2.40 -17.01
N GLN B 130 24.80 -3.31 -17.95
CA GLN B 130 25.22 -3.17 -19.33
C GLN B 130 24.34 -2.13 -20.03
N ALA B 131 23.04 -2.22 -19.68
CA ALA B 131 22.10 -1.21 -20.23
C ALA B 131 22.17 0.15 -19.58
N ASN B 132 22.94 0.34 -18.54
CA ASN B 132 23.10 1.61 -17.82
C ASN B 132 21.90 2.02 -16.96
N LYS B 133 21.25 1.04 -16.37
CA LYS B 133 20.17 1.22 -15.37
C LYS B 133 20.52 0.38 -14.14
N ALA B 134 19.70 0.44 -13.09
CA ALA B 134 19.89 -0.47 -11.94
C ALA B 134 18.70 -0.63 -11.03
N THR B 135 18.28 -1.87 -10.78
CA THR B 135 17.09 -2.19 -9.99
C THR B 135 17.31 -3.33 -9.00
N LEU B 136 17.36 -3.05 -7.71
CA LEU B 136 17.26 -4.19 -6.74
C LEU B 136 15.77 -4.48 -6.47
N VAL B 137 15.45 -5.75 -6.30
CA VAL B 137 14.07 -6.22 -6.06
C VAL B 137 14.02 -7.09 -4.80
N CYS B 138 13.07 -6.75 -3.92
CA CYS B 138 12.88 -7.48 -2.66
C CYS B 138 11.60 -8.30 -2.80
N LEU B 139 11.74 -9.62 -2.87
CA LEU B 139 10.57 -10.53 -2.97
C LEU B 139 10.19 -10.97 -1.56
N ILE B 140 8.94 -10.74 -1.23
CA ILE B 140 8.31 -11.20 0.01
C ILE B 140 7.39 -12.38 -0.42
N SER B 141 7.46 -13.47 0.33
CA SER B 141 6.64 -14.64 -0.01
C SER B 141 6.30 -15.53 1.17
N ASP B 142 5.26 -16.33 0.90
CA ASP B 142 4.81 -17.39 1.77
C ASP B 142 4.35 -16.98 3.16
N PHE B 143 3.72 -15.83 3.23
CA PHE B 143 3.28 -15.23 4.49
C PHE B 143 1.75 -15.11 4.55
N TYR B 144 1.34 -14.94 5.80
CA TYR B 144 -0.11 -14.77 6.11
C TYR B 144 -0.14 -13.94 7.40
N PRO B 145 -1.07 -13.03 7.58
CA PRO B 145 -1.98 -12.48 6.57
C PRO B 145 -1.26 -11.34 5.86
N GLY B 146 -1.77 -10.89 4.74
CA GLY B 146 -0.99 -10.08 3.80
C GLY B 146 -0.92 -8.60 4.14
N ALA B 147 -0.34 -8.30 5.27
CA ALA B 147 0.00 -6.92 5.66
C ALA B 147 1.45 -6.98 6.15
N VAL B 148 2.31 -6.34 5.38
CA VAL B 148 3.74 -6.32 5.62
C VAL B 148 4.26 -4.88 5.42
N THR B 149 5.08 -4.51 6.40
CA THR B 149 5.88 -3.26 6.15
C THR B 149 7.10 -3.65 5.32
N VAL B 150 7.47 -2.78 4.40
CA VAL B 150 8.63 -2.94 3.53
C VAL B 150 9.44 -1.64 3.44
N ALA B 151 10.61 -1.68 4.02
CA ALA B 151 11.51 -0.54 4.15
C ALA B 151 12.87 -0.87 3.54
N TRP B 152 13.52 0.18 3.06
CA TRP B 152 14.86 0.06 2.48
C TRP B 152 15.87 0.91 3.27
N LYS B 153 17.01 0.23 3.41
CA LYS B 153 18.20 0.87 3.98
C LYS B 153 19.29 0.96 2.90
N ALA B 154 19.80 2.17 2.71
CA ALA B 154 21.11 2.34 2.04
C ALA B 154 22.12 2.62 3.17
N ASP B 155 22.82 1.52 3.47
CA ASP B 155 23.82 1.55 4.57
C ASP B 155 23.02 2.03 5.80
N GLY B 156 22.00 1.23 6.07
CA GLY B 156 21.19 1.45 7.30
C GLY B 156 20.26 2.63 7.01
N SER B 157 20.88 3.78 6.77
CA SER B 157 20.11 5.01 6.53
C SER B 157 18.96 4.74 5.57
N PRO B 158 17.77 5.09 6.05
CA PRO B 158 16.54 4.88 5.31
C PRO B 158 16.53 5.57 3.95
N VAL B 159 16.16 4.78 2.94
CA VAL B 159 15.88 5.32 1.58
C VAL B 159 14.38 5.22 1.38
N LYS B 160 13.80 6.38 1.14
CA LYS B 160 12.36 6.55 0.89
C LYS B 160 12.24 7.54 -0.28
N ALA B 161 12.81 7.12 -1.42
CA ALA B 161 13.02 8.06 -2.52
C ALA B 161 13.08 7.49 -3.91
N GLY B 162 12.98 6.19 -4.03
CA GLY B 162 12.96 5.51 -5.35
C GLY B 162 12.38 4.11 -5.16
N VAL B 163 11.60 4.04 -4.09
CA VAL B 163 11.13 2.73 -3.59
C VAL B 163 9.71 2.48 -4.11
N GLU B 164 9.40 1.19 -4.23
CA GLU B 164 8.12 0.84 -4.86
C GLU B 164 7.61 -0.52 -4.44
N THR B 165 6.76 -0.43 -3.42
CA THR B 165 6.06 -1.56 -2.83
C THR B 165 4.84 -1.89 -3.69
N THR B 166 4.36 -3.07 -3.44
CA THR B 166 3.23 -3.69 -4.16
C THR B 166 2.26 -4.20 -3.11
N LYS B 167 0.99 -4.15 -3.42
CA LYS B 167 -0.02 -4.68 -2.45
C LYS B 167 0.03 -6.20 -2.64
N PRO B 168 -0.16 -6.92 -1.54
CA PRO B 168 -0.07 -8.38 -1.56
C PRO B 168 -0.96 -9.02 -2.59
N SER B 169 -0.58 -10.24 -2.96
CA SER B 169 -1.50 -11.18 -3.64
C SER B 169 -1.64 -12.42 -2.73
N LYS B 170 -2.36 -13.36 -3.28
CA LYS B 170 -2.67 -14.65 -2.62
C LYS B 170 -2.20 -15.71 -3.62
N GLN B 171 -1.30 -16.55 -3.19
CA GLN B 171 -0.59 -17.51 -4.06
C GLN B 171 -1.42 -18.79 -4.13
N SER B 172 -1.24 -19.53 -5.20
CA SER B 172 -2.03 -20.75 -5.48
C SER B 172 -1.96 -21.73 -4.30
N ASN B 173 -0.94 -21.55 -3.51
CA ASN B 173 -0.62 -22.35 -2.33
C ASN B 173 -1.46 -21.91 -1.14
N ASN B 174 -2.18 -20.84 -1.34
CA ASN B 174 -3.16 -20.32 -0.38
C ASN B 174 -2.55 -19.44 0.69
N LYS B 175 -1.31 -19.06 0.49
CA LYS B 175 -0.59 -18.10 1.38
C LYS B 175 -0.33 -16.86 0.54
N TYR B 176 0.52 -15.93 0.92
CA TYR B 176 0.54 -14.63 0.19
C TYR B 176 1.94 -14.28 -0.33
N ALA B 177 1.93 -13.21 -1.14
CA ALA B 177 3.22 -12.72 -1.70
C ALA B 177 3.19 -11.25 -2.07
N ALA B 178 4.31 -10.58 -1.83
CA ALA B 178 4.42 -9.13 -2.15
C ALA B 178 5.85 -8.86 -2.57
N SER B 179 6.16 -7.63 -3.01
CA SER B 179 7.50 -7.40 -3.57
C SER B 179 7.84 -5.99 -3.96
N SER B 180 8.64 -5.35 -3.10
CA SER B 180 9.11 -3.98 -3.33
C SER B 180 10.29 -4.00 -4.30
N TYR B 181 10.54 -2.83 -4.86
CA TYR B 181 11.75 -2.62 -5.69
C TYR B 181 12.39 -1.27 -5.36
N LEU B 182 13.52 -1.06 -6.02
CA LEU B 182 14.31 0.18 -5.84
C LEU B 182 15.12 0.44 -7.13
N SER B 183 14.67 1.46 -7.84
CA SER B 183 15.29 1.90 -9.10
C SER B 183 16.41 2.88 -8.78
N LEU B 184 17.50 2.71 -9.48
CA LEU B 184 18.70 3.53 -9.45
C LEU B 184 19.36 3.52 -10.84
N THR B 185 20.37 4.34 -10.92
CA THR B 185 21.32 4.33 -12.07
C THR B 185 22.68 4.15 -11.40
N PRO B 186 23.60 3.48 -12.09
CA PRO B 186 24.71 2.77 -11.44
C PRO B 186 25.64 3.51 -10.54
N GLU B 187 25.85 4.78 -10.72
CA GLU B 187 26.60 5.66 -9.83
C GLU B 187 26.48 5.31 -8.35
N GLN B 188 25.37 5.71 -7.75
CA GLN B 188 25.06 5.58 -6.33
C GLN B 188 25.01 4.13 -5.86
N TRP B 189 24.76 3.27 -6.82
CA TRP B 189 24.73 1.81 -6.60
C TRP B 189 26.15 1.35 -6.26
N LYS B 190 27.06 1.91 -7.04
CA LYS B 190 28.50 1.64 -6.94
C LYS B 190 29.17 2.46 -5.83
N SER B 191 28.53 3.54 -5.41
CA SER B 191 29.11 4.51 -4.50
C SER B 191 28.50 4.52 -3.09
N HIS B 192 27.78 3.48 -2.77
CA HIS B 192 27.28 3.14 -1.45
C HIS B 192 27.81 1.69 -1.28
N ARG B 193 28.10 1.32 -0.07
CA ARG B 193 28.79 0.02 0.11
C ARG B 193 27.79 -1.10 0.25
N SER B 194 26.59 -0.80 0.73
CA SER B 194 25.53 -1.80 0.87
C SER B 194 24.12 -1.22 0.76
N TYR B 195 23.19 -2.14 0.52
CA TYR B 195 21.76 -1.86 0.38
C TYR B 195 20.96 -3.03 0.97
N SER B 196 20.07 -2.75 1.90
CA SER B 196 19.23 -3.79 2.52
C SER B 196 17.73 -3.54 2.36
N CYS B 197 17.00 -4.64 2.44
CA CYS B 197 15.53 -4.68 2.41
C CYS B 197 15.09 -5.20 3.79
N GLN B 198 14.13 -4.53 4.39
CA GLN B 198 13.58 -4.98 5.69
C GLN B 198 12.06 -4.98 5.67
N VAL B 199 11.50 -6.09 6.12
CA VAL B 199 10.07 -6.29 6.16
C VAL B 199 9.65 -6.66 7.60
N THR B 200 8.51 -6.05 7.93
CA THR B 200 7.92 -6.17 9.26
C THR B 200 6.67 -7.04 9.10
N HIS B 201 6.55 -7.92 10.06
CA HIS B 201 5.36 -8.79 10.18
C HIS B 201 4.89 -8.82 11.63
N GLU B 202 4.37 -9.94 12.07
CA GLU B 202 3.79 -10.00 13.45
C GLU B 202 4.90 -10.46 14.36
N GLY B 203 5.49 -9.46 15.00
CA GLY B 203 6.59 -9.59 15.94
C GLY B 203 7.87 -10.13 15.31
N SER B 204 8.23 -9.60 14.16
CA SER B 204 9.38 -10.06 13.38
C SER B 204 9.74 -9.02 12.32
N THR B 205 11.00 -8.65 12.35
CA THR B 205 11.61 -7.89 11.26
C THR B 205 12.63 -8.85 10.60
N VAL B 206 12.76 -8.67 9.29
CA VAL B 206 13.85 -9.30 8.55
C VAL B 206 14.49 -8.17 7.72
N GLU B 207 15.78 -8.14 7.80
CA GLU B 207 16.62 -7.22 6.99
C GLU B 207 17.67 -8.10 6.29
N LYS B 208 17.61 -8.13 4.98
CA LYS B 208 18.65 -8.80 4.17
C LYS B 208 19.41 -7.81 3.32
N THR B 209 20.71 -8.06 3.15
CA THR B 209 21.61 -7.11 2.50
C THR B 209 22.19 -7.57 1.17
N VAL B 210 22.55 -6.55 0.38
CA VAL B 210 23.15 -6.65 -0.95
C VAL B 210 24.20 -5.57 -1.17
N ALA B 211 25.27 -6.00 -1.81
CA ALA B 211 26.44 -5.17 -2.15
C ALA B 211 26.90 -5.51 -3.57
N PRO B 212 27.57 -4.55 -4.20
CA PRO B 212 28.01 -4.64 -5.58
C PRO B 212 29.30 -5.38 -5.88
N THR B 213 29.47 -5.66 -7.19
CA THR B 213 30.62 -6.39 -7.75
C THR B 213 31.26 -5.65 -8.93
N GLU B 214 31.07 -6.17 -10.12
CA GLU B 214 31.47 -5.67 -11.43
C GLU B 214 32.38 -6.75 -12.07
N CYS B 215 31.80 -7.93 -12.04
CA CYS B 215 32.27 -9.22 -12.43
C CYS B 215 32.41 -9.46 -13.93
N SER B 216 31.47 -8.85 -14.60
CA SER B 216 31.34 -8.81 -16.06
C SER B 216 30.98 -7.32 -16.32
N HIS C 3 -11.23 16.89 13.86
CA HIS C 3 -11.14 18.36 13.91
C HIS C 3 -12.54 18.81 14.47
C ACE D . -13.67 13.22 12.15
O ACE D . -13.42 12.35 12.99
CH3 ACE D . -14.70 13.01 11.08
N DPN E . -13.02 14.39 12.09
CA DPN E . -12.03 14.76 13.10
C DPN E . -11.43 16.16 12.77
O DPN E . -11.16 16.55 11.64
CB DPN E . -12.67 14.93 14.45
CG DPN E . -12.35 14.01 15.56
CD1 DPN E . -12.92 12.74 15.62
CD2 DPN E . -11.55 14.43 16.62
CE1 DPN E . -12.66 11.87 16.65
CE2 DPN E . -11.28 13.57 17.67
CZ DPN E . -11.84 12.29 17.69
N DPR F . -12.43 19.80 15.40
CA DPR F . -13.72 20.32 15.96
CB DPR F . -13.39 21.67 16.40
CG DPR F . -11.94 21.83 16.25
CD DPR F . -11.42 20.47 16.17
C DPR F . -14.20 19.39 17.07
O DPR F . -13.85 19.49 18.25
N NH2 G . -15.03 18.42 16.79
#